data_5O13
#
_entry.id   5O13
#
_cell.length_a   96.735
_cell.length_b   96.735
_cell.length_c   81.765
_cell.angle_alpha   90.00
_cell.angle_beta   90.00
_cell.angle_gamma   120.00
#
_symmetry.space_group_name_H-M   'P 65'
#
loop_
_entity.id
_entity.type
_entity.pdbx_description
1 polymer 'Serine/threonine-protein kinase pim-1'
2 non-polymer (3~{E})-5-chloranyl-3-[[5-[3-[(4-methyl-1,4-diazepan-1-yl)carbonyl]phenyl]furan-2-yl]methylidene]-1~{H}-indol-2-one
3 non-polymer IMIDAZOLE
4 non-polymer 'CHLORIDE ION'
5 water water
#
_entity_poly.entity_id   1
_entity_poly.type   'polypeptide(L)'
_entity_poly.pdbx_seq_one_letter_code
;HHHHHHSQDPNSMKEKEPLESQYQVGPLLGSGGFGSVYSGIRVSDNLPVAIKHVEKDRISDWGELPNGTRVPMEVVLLKK
VSSGFSGVIRLLDWFERPDSFVLILERPEPVQDLFDFITERGALQEELARSFFWQVLEAVRHCHN(CSX)GVLHRDIKDE
NILIDLNRGELKLIDFGSGALLKDTVYTDFDGTRVYSPPEWIRYHRYHGRSAAVWSLGILLYDMVCGDIPFEHDEEIIRG
QVFFRQRVS(SEP)ECQHLIRWCLALRPSDRPTFEEIQNHPWMQDVLLPQETAEIHLHSLSPGPSK
;
_entity_poly.pdbx_strand_id   A
#
loop_
_chem_comp.id
_chem_comp.type
_chem_comp.name
_chem_comp.formula
9G5 non-polymer (3~{E})-5-chloranyl-3-[[5-[3-[(4-methyl-1,4-diazepan-1-yl)carbonyl]phenyl]furan-2-yl]methylidene]-1~{H}-indol-2-one 'C26 H24 Cl N3 O3'
CL non-polymer 'CHLORIDE ION' 'Cl -1'
IMD non-polymer IMIDAZOLE 'C3 H5 N2 1'
#
# COMPACT_ATOMS: atom_id res chain seq x y z
N LEU A 19 2.66 29.34 -9.44
CA LEU A 19 2.10 29.24 -8.07
C LEU A 19 1.12 28.08 -8.02
N GLU A 20 0.78 27.67 -6.80
CA GLU A 20 -0.18 26.61 -6.57
C GLU A 20 -1.63 27.17 -6.56
N SER A 21 -1.79 28.51 -6.73
CA SER A 21 -2.99 29.15 -7.34
C SER A 21 -3.65 28.50 -8.59
N GLN A 22 -3.11 27.40 -9.11
CA GLN A 22 -3.75 26.58 -10.20
C GLN A 22 -4.58 25.37 -9.71
N TYR A 23 -4.72 25.18 -8.40
CA TYR A 23 -5.63 24.17 -7.84
C TYR A 23 -6.55 24.88 -6.85
N GLN A 24 -7.84 24.52 -6.82
CA GLN A 24 -8.78 24.94 -5.76
C GLN A 24 -8.69 23.87 -4.69
N VAL A 25 -8.57 24.28 -3.43
CA VAL A 25 -8.33 23.34 -2.34
C VAL A 25 -9.61 23.14 -1.60
N GLY A 26 -9.88 21.90 -1.21
CA GLY A 26 -11.10 21.59 -0.50
C GLY A 26 -10.68 21.19 0.89
N PRO A 27 -11.49 20.34 1.53
CA PRO A 27 -11.22 19.89 2.88
C PRO A 27 -10.11 18.88 3.05
N LEU A 28 -9.63 18.86 4.28
CA LEU A 28 -8.65 17.95 4.76
C LEU A 28 -9.22 16.57 4.64
N LEU A 29 -8.56 15.68 3.90
CA LEU A 29 -8.92 14.25 3.81
C LEU A 29 -8.36 13.43 4.95
N GLY A 30 -7.21 13.81 5.48
CA GLY A 30 -6.59 13.05 6.57
C GLY A 30 -5.20 13.55 6.80
N SER A 31 -4.64 13.22 7.94
CA SER A 31 -3.31 13.63 8.20
C SER A 31 -2.65 12.67 9.14
N GLY A 32 -1.33 12.59 9.13
CA GLY A 32 -0.61 11.66 9.97
C GLY A 32 0.88 11.66 9.62
N GLY A 33 1.52 10.51 9.77
CA GLY A 33 2.93 10.33 9.45
C GLY A 33 3.21 10.59 8.01
N PHE A 34 2.23 10.48 7.12
CA PHE A 34 2.38 10.88 5.71
C PHE A 34 2.25 12.39 5.44
N GLY A 35 1.84 13.19 6.43
CA GLY A 35 1.64 14.63 6.20
C GLY A 35 0.18 15.03 6.26
N SER A 36 -0.20 16.08 5.53
CA SER A 36 -1.59 16.47 5.52
C SER A 36 -2.01 16.46 4.11
N VAL A 37 -3.17 15.87 3.85
CA VAL A 37 -3.63 15.58 2.53
C VAL A 37 -5.01 16.18 2.39
N TYR A 38 -5.19 17.06 1.39
CA TYR A 38 -6.42 17.80 1.17
C TYR A 38 -7.03 17.36 -0.14
N SER A 39 -8.34 17.37 -0.20
CA SER A 39 -9.00 17.29 -1.45
C SER A 39 -8.82 18.58 -2.25
N GLY A 40 -8.81 18.48 -3.58
CA GLY A 40 -8.59 19.61 -4.48
C GLY A 40 -9.13 19.31 -5.88
N ILE A 41 -9.11 20.32 -6.75
CA ILE A 41 -9.63 20.22 -8.11
C ILE A 41 -8.63 21.04 -8.87
N ARG A 42 -8.17 20.54 -9.99
CA ARG A 42 -7.24 21.29 -10.81
C ARG A 42 -8.07 22.37 -11.55
N VAL A 43 -7.66 23.65 -11.50
CA VAL A 43 -8.51 24.72 -12.03
C VAL A 43 -8.54 24.57 -13.56
N SER A 44 -7.37 24.41 -14.18
CA SER A 44 -7.26 24.01 -15.60
C SER A 44 -8.52 23.26 -16.11
N ASP A 45 -8.82 22.06 -15.60
CA ASP A 45 -9.91 21.20 -16.16
C ASP A 45 -10.89 20.57 -15.13
N ASN A 46 -10.91 21.07 -13.91
CA ASN A 46 -11.77 20.52 -12.88
C ASN A 46 -11.40 19.04 -12.58
N LEU A 47 -10.15 18.65 -12.82
CA LEU A 47 -9.68 17.31 -12.43
C LEU A 47 -9.64 17.16 -10.93
N PRO A 48 -10.23 16.09 -10.39
CA PRO A 48 -10.15 15.94 -8.94
C PRO A 48 -8.75 15.48 -8.54
N VAL A 49 -8.16 16.04 -7.50
CA VAL A 49 -6.78 15.76 -7.11
C VAL A 49 -6.71 15.66 -5.60
N ALA A 50 -5.60 15.19 -5.10
CA ALA A 50 -5.34 15.18 -3.68
C ALA A 50 -4.04 15.94 -3.52
N ILE A 51 -3.96 16.79 -2.53
CA ILE A 51 -2.87 17.73 -2.41
C ILE A 51 -2.21 17.39 -1.12
N LYS A 52 -0.99 16.86 -1.19
CA LYS A 52 -0.30 16.38 0.00
C LYS A 52 0.87 17.25 0.45
N HIS A 53 0.90 17.64 1.73
CA HIS A 53 1.90 18.52 2.26
C HIS A 53 2.77 17.76 3.17
N VAL A 54 4.08 17.94 3.04
CA VAL A 54 5.07 17.22 3.81
C VAL A 54 6.11 18.24 4.30
N GLU A 55 6.30 18.33 5.60
CA GLU A 55 7.22 19.31 6.18
C GLU A 55 8.65 18.84 5.97
N LYS A 56 9.52 19.69 5.44
CA LYS A 56 10.93 19.31 5.25
C LYS A 56 11.60 18.77 6.50
N ASP A 57 11.35 19.37 7.67
CA ASP A 57 11.87 18.89 8.94
C ASP A 57 11.50 17.45 9.15
N ARG A 58 10.29 17.06 8.75
CA ARG A 58 9.83 15.71 9.02
C ARG A 58 10.18 14.69 7.94
N ILE A 59 11.06 14.98 6.99
CA ILE A 59 11.29 14.03 5.88
C ILE A 59 12.41 13.01 6.16
N SER A 60 12.10 11.70 5.96
CA SER A 60 13.06 10.58 6.20
C SER A 60 14.26 10.62 5.23
N ASP A 61 14.10 10.13 4.00
CA ASP A 61 15.20 10.10 3.02
C ASP A 61 15.02 11.13 1.92
N TRP A 62 16.12 11.55 1.32
CA TRP A 62 16.12 12.49 0.22
C TRP A 62 16.84 11.86 -0.99
N GLY A 63 16.65 12.46 -2.15
CA GLY A 63 16.96 11.80 -3.38
C GLY A 63 17.25 12.75 -4.51
N GLU A 64 17.32 12.15 -5.68
CA GLU A 64 18.16 12.63 -6.74
C GLU A 64 17.36 12.66 -8.06
N LEU A 65 17.05 13.83 -8.56
CA LEU A 65 16.35 13.90 -9.82
C LEU A 65 17.36 14.20 -10.94
N PRO A 66 17.12 13.70 -12.17
CA PRO A 66 17.99 14.05 -13.32
C PRO A 66 18.39 15.54 -13.37
N ASN A 67 17.42 16.43 -13.54
CA ASN A 67 17.68 17.88 -13.44
C ASN A 67 18.80 18.22 -12.46
N GLY A 68 18.98 17.40 -11.42
CA GLY A 68 19.97 17.65 -10.39
C GLY A 68 19.32 18.06 -9.07
N THR A 69 18.03 18.44 -9.14
CA THR A 69 17.28 18.95 -7.99
C THR A 69 17.13 17.90 -6.86
N ARG A 70 17.29 18.35 -5.60
CA ARG A 70 17.16 17.51 -4.38
C ARG A 70 15.70 17.46 -3.90
N VAL A 71 15.18 16.28 -3.55
CA VAL A 71 13.75 16.10 -3.36
C VAL A 71 13.52 14.98 -2.39
N PRO A 72 12.31 14.88 -1.85
CA PRO A 72 12.04 13.76 -0.98
C PRO A 72 12.06 12.47 -1.77
N MET A 73 12.61 11.41 -1.18
CA MET A 73 12.62 10.12 -1.85
C MET A 73 11.22 9.80 -2.41
N GLU A 74 10.18 10.20 -1.72
CA GLU A 74 8.79 9.94 -2.16
C GLU A 74 8.56 10.38 -3.63
N VAL A 75 9.05 11.55 -4.00
CA VAL A 75 8.90 12.03 -5.36
C VAL A 75 9.65 11.14 -6.38
N VAL A 76 10.88 10.74 -6.02
CA VAL A 76 11.66 9.88 -6.85
C VAL A 76 10.92 8.58 -7.05
N LEU A 77 10.42 8.04 -5.95
CA LEU A 77 9.75 6.74 -6.00
C LEU A 77 8.50 6.84 -6.86
N LEU A 78 7.73 7.90 -6.68
CA LEU A 78 6.51 8.07 -7.45
C LEU A 78 6.78 8.30 -8.92
N LYS A 79 7.86 8.95 -9.26
CA LYS A 79 8.08 9.16 -10.67
C LYS A 79 8.51 7.86 -11.27
N LYS A 80 9.24 7.03 -10.52
CA LYS A 80 9.72 5.77 -11.11
C LYS A 80 8.58 4.82 -11.44
N VAL A 81 7.47 5.05 -10.79
CA VAL A 81 6.35 4.14 -10.81
C VAL A 81 5.13 4.71 -11.52
N SER A 82 5.14 6.01 -11.81
CA SER A 82 3.94 6.69 -12.26
C SER A 82 3.95 6.69 -13.79
N SER A 83 3.93 5.51 -14.42
CA SER A 83 3.18 5.28 -15.68
C SER A 83 1.63 5.40 -15.43
N GLY A 84 0.80 5.05 -16.44
CA GLY A 84 -0.65 5.10 -16.27
C GLY A 84 -1.29 3.80 -15.79
N PHE A 85 -0.50 2.84 -15.35
CA PHE A 85 -1.01 1.66 -14.68
C PHE A 85 -1.83 2.17 -13.49
N SER A 86 -3.11 1.84 -13.45
CA SER A 86 -3.96 2.42 -12.42
C SER A 86 -3.83 1.79 -11.01
N GLY A 87 -3.01 0.75 -10.80
CA GLY A 87 -2.91 0.11 -9.48
C GLY A 87 -2.03 0.86 -8.51
N VAL A 88 -1.35 1.88 -9.01
CA VAL A 88 -0.53 2.71 -8.17
C VAL A 88 -0.95 4.15 -8.48
N ILE A 89 -1.03 4.97 -7.45
CA ILE A 89 -1.42 6.39 -7.54
C ILE A 89 -0.45 7.17 -8.44
N ARG A 90 -0.97 8.07 -9.25
CA ARG A 90 -0.17 8.83 -10.18
C ARG A 90 0.09 10.21 -9.54
N LEU A 91 1.38 10.58 -9.53
CA LEU A 91 1.88 11.91 -9.16
C LEU A 91 1.71 12.79 -10.36
N LEU A 92 0.94 13.87 -10.24
CA LEU A 92 0.66 14.74 -11.37
C LEU A 92 1.61 15.89 -11.38
N ASP A 93 2.09 16.34 -10.20
CA ASP A 93 2.93 17.52 -10.13
C ASP A 93 3.53 17.60 -8.73
N TRP A 94 4.47 18.53 -8.51
CA TRP A 94 4.94 18.85 -7.18
C TRP A 94 5.61 20.20 -7.12
N PHE A 95 5.62 20.79 -5.93
CA PHE A 95 6.10 22.13 -5.71
C PHE A 95 6.98 22.07 -4.50
N GLU A 96 7.93 22.96 -4.43
CA GLU A 96 8.75 23.08 -3.27
C GLU A 96 8.41 24.43 -2.65
N ARG A 97 8.31 24.48 -1.33
CA ARG A 97 7.98 25.72 -0.63
C ARG A 97 9.07 25.94 0.33
N PRO A 98 9.05 27.06 1.03
CA PRO A 98 10.19 27.21 1.89
C PRO A 98 10.31 26.09 2.92
N ASP A 99 9.25 25.78 3.68
CA ASP A 99 9.38 24.75 4.72
C ASP A 99 8.84 23.42 4.31
N SER A 100 8.39 23.25 3.05
CA SER A 100 7.62 22.05 2.74
C SER A 100 7.65 21.63 1.25
N PHE A 101 7.26 20.39 0.95
CA PHE A 101 6.91 19.96 -0.43
C PHE A 101 5.41 19.71 -0.53
N VAL A 102 4.84 20.00 -1.67
CA VAL A 102 3.45 19.77 -1.93
C VAL A 102 3.38 18.87 -3.14
N LEU A 103 2.72 17.71 -3.05
CA LEU A 103 2.54 16.83 -4.19
C LEU A 103 1.11 16.84 -4.63
N ILE A 104 0.86 16.89 -5.93
CA ILE A 104 -0.48 16.79 -6.45
C ILE A 104 -0.64 15.34 -6.90
N LEU A 105 -1.63 14.66 -6.37
CA LEU A 105 -1.90 13.23 -6.71
C LEU A 105 -3.24 13.08 -7.35
N GLU A 106 -3.38 12.09 -8.18
CA GLU A 106 -4.67 11.81 -8.76
C GLU A 106 -5.63 11.42 -7.65
N ARG A 107 -6.89 11.84 -7.77
CA ARG A 107 -7.96 11.50 -6.81
C ARG A 107 -9.17 10.84 -7.46
N PRO A 108 -9.37 9.54 -7.24
CA PRO A 108 -10.58 8.89 -7.72
C PRO A 108 -11.75 9.37 -6.93
N GLU A 109 -12.92 9.33 -7.56
CA GLU A 109 -14.11 9.69 -6.81
C GLU A 109 -15.38 9.10 -7.39
N PRO A 110 -16.23 8.51 -6.53
CA PRO A 110 -16.00 8.29 -5.10
C PRO A 110 -14.88 7.29 -4.77
N VAL A 111 -14.27 7.47 -3.61
CA VAL A 111 -13.16 6.66 -3.16
C VAL A 111 -13.29 6.40 -1.67
N GLN A 112 -12.76 5.29 -1.22
CA GLN A 112 -12.77 4.95 0.20
C GLN A 112 -11.54 4.11 0.50
N ASP A 113 -10.93 4.33 1.64
CA ASP A 113 -9.70 3.72 1.96
C ASP A 113 -10.03 2.34 2.52
N LEU A 114 -9.16 1.36 2.35
CA LEU A 114 -9.57 -0.01 2.65
C LEU A 114 -9.81 -0.27 4.13
N PHE A 115 -9.13 0.47 4.98
CA PHE A 115 -9.27 0.31 6.42
C PHE A 115 -10.66 0.74 6.81
N ASP A 116 -11.09 1.86 6.26
CA ASP A 116 -12.49 2.26 6.44
C ASP A 116 -13.51 1.25 5.92
N PHE A 117 -13.26 0.72 4.74
CA PHE A 117 -14.17 -0.22 4.14
C PHE A 117 -14.31 -1.41 5.07
N ILE A 118 -13.21 -1.85 5.69
CA ILE A 118 -13.27 -3.07 6.51
C ILE A 118 -13.93 -2.77 7.84
N THR A 119 -13.70 -1.58 8.35
CA THR A 119 -14.29 -1.15 9.58
C THR A 119 -15.77 -1.11 9.41
N GLU A 120 -16.26 -0.50 8.33
CA GLU A 120 -17.71 -0.44 8.08
C GLU A 120 -18.22 -1.84 7.73
N ARG A 121 -17.45 -2.68 7.07
CA ARG A 121 -18.07 -3.92 6.63
C ARG A 121 -17.77 -5.12 7.51
N GLY A 122 -16.79 -5.05 8.41
CA GLY A 122 -16.30 -6.26 9.10
C GLY A 122 -15.48 -7.12 8.11
N ALA A 123 -15.17 -8.35 8.50
CA ALA A 123 -14.54 -9.33 7.59
C ALA A 123 -15.15 -9.34 6.17
N LEU A 124 -14.35 -9.39 5.12
CA LEU A 124 -14.86 -9.41 3.76
C LEU A 124 -15.05 -10.84 3.34
N GLN A 125 -16.07 -11.07 2.54
CA GLN A 125 -16.27 -12.33 1.88
C GLN A 125 -15.03 -12.68 1.12
N GLU A 126 -14.78 -13.96 1.02
CA GLU A 126 -13.56 -14.44 0.35
C GLU A 126 -13.38 -14.02 -1.08
N GLU A 127 -14.48 -14.03 -1.81
CA GLU A 127 -14.50 -13.61 -3.20
C GLU A 127 -14.02 -12.15 -3.41
N LEU A 128 -14.38 -11.31 -2.49
CA LEU A 128 -14.04 -9.95 -2.61
C LEU A 128 -12.68 -9.73 -2.09
N ALA A 129 -12.29 -10.46 -1.04
CA ALA A 129 -10.89 -10.44 -0.56
C ALA A 129 -9.95 -10.91 -1.65
N ARG A 130 -10.37 -11.89 -2.45
CA ARG A 130 -9.51 -12.41 -3.52
C ARG A 130 -9.31 -11.35 -4.60
N SER A 131 -10.42 -10.77 -5.09
CA SER A 131 -10.33 -9.73 -6.06
C SER A 131 -9.39 -8.63 -5.61
N PHE A 132 -9.55 -8.19 -4.39
CA PHE A 132 -8.78 -7.07 -3.86
C PHE A 132 -7.32 -7.44 -3.66
N PHE A 133 -7.09 -8.61 -3.08
CA PHE A 133 -5.72 -9.07 -2.85
C PHE A 133 -4.96 -9.28 -4.18
N TRP A 134 -5.62 -9.76 -5.22
CA TRP A 134 -4.97 -9.94 -6.52
C TRP A 134 -4.54 -8.56 -7.04
N GLN A 135 -5.43 -7.57 -6.95
CA GLN A 135 -5.07 -6.27 -7.46
C GLN A 135 -3.91 -5.67 -6.72
N VAL A 136 -3.86 -5.89 -5.41
CA VAL A 136 -2.71 -5.41 -4.60
C VAL A 136 -1.42 -6.11 -5.04
N LEU A 137 -1.51 -7.41 -5.27
CA LEU A 137 -0.35 -8.11 -5.81
C LEU A 137 0.12 -7.58 -7.14
N GLU A 138 -0.79 -7.33 -8.10
CA GLU A 138 -0.36 -6.77 -9.41
C GLU A 138 0.36 -5.45 -9.22
N ALA A 139 -0.17 -4.64 -8.30
CA ALA A 139 0.39 -3.31 -8.03
C ALA A 139 1.78 -3.37 -7.39
N VAL A 140 1.96 -4.26 -6.43
CA VAL A 140 3.23 -4.40 -5.80
C VAL A 140 4.28 -4.96 -6.79
N ARG A 141 3.88 -5.86 -7.69
CA ARG A 141 4.78 -6.38 -8.73
C ARG A 141 5.18 -5.21 -9.61
N HIS A 142 4.23 -4.36 -9.91
CA HIS A 142 4.53 -3.14 -10.68
C HIS A 142 5.61 -2.27 -10.03
N CYS A 143 5.50 -2.04 -8.72
CA CYS A 143 6.49 -1.22 -8.05
C CYS A 143 7.84 -1.92 -8.17
N HIS A 144 7.87 -3.19 -7.83
CA HIS A 144 9.12 -3.94 -7.96
C HIS A 144 9.70 -3.91 -9.32
N ASN A 145 8.92 -4.07 -10.38
CA ASN A 145 9.51 -3.89 -11.71
C ASN A 145 9.99 -2.48 -12.03
N CSX A 146 9.54 -1.46 -11.32
CA CSX A 146 9.93 -0.11 -11.60
CB CSX A 146 8.74 0.84 -11.35
SG CSX A 146 7.49 0.66 -12.54
C CSX A 146 11.07 0.22 -10.68
O CSX A 146 11.51 1.37 -10.64
OD CSX A 146 8.07 0.60 -13.94
N GLY A 147 11.50 -0.74 -9.89
CA GLY A 147 12.68 -0.53 -9.03
C GLY A 147 12.38 0.04 -7.64
N VAL A 148 11.11 -0.05 -7.23
CA VAL A 148 10.64 0.59 -5.98
C VAL A 148 10.06 -0.42 -5.01
N LEU A 149 10.45 -0.28 -3.75
CA LEU A 149 9.92 -1.06 -2.66
C LEU A 149 8.98 -0.18 -1.80
N HIS A 150 7.72 -0.54 -1.71
CA HIS A 150 6.83 0.30 -0.90
C HIS A 150 7.13 0.33 0.63
N ARG A 151 7.29 -0.85 1.22
CA ARG A 151 7.56 -1.01 2.65
C ARG A 151 6.48 -0.62 3.68
N ASP A 152 5.32 -0.22 3.24
CA ASP A 152 4.24 0.09 4.18
C ASP A 152 2.91 -0.35 3.64
N ILE A 153 2.90 -1.56 3.13
CA ILE A 153 1.68 -2.14 2.62
C ILE A 153 0.75 -2.50 3.79
N LYS A 154 -0.44 -1.95 3.78
CA LYS A 154 -1.47 -2.17 4.77
C LYS A 154 -2.79 -1.51 4.26
N ASP A 155 -3.92 -1.82 4.90
CA ASP A 155 -5.26 -1.38 4.44
C ASP A 155 -5.42 0.14 4.32
N GLU A 156 -4.77 0.88 5.20
CA GLU A 156 -4.77 2.33 5.16
C GLU A 156 -4.06 2.91 3.98
N ASN A 157 -3.14 2.16 3.34
CA ASN A 157 -2.41 2.66 2.17
C ASN A 157 -2.96 2.15 0.89
N ILE A 158 -4.23 1.82 0.94
CA ILE A 158 -4.91 1.31 -0.26
C ILE A 158 -6.26 1.98 -0.41
N LEU A 159 -6.48 2.56 -1.57
CA LEU A 159 -7.70 3.26 -1.87
C LEU A 159 -8.54 2.37 -2.79
N ILE A 160 -9.85 2.38 -2.63
CA ILE A 160 -10.77 1.66 -3.52
C ILE A 160 -11.44 2.73 -4.40
N ASP A 161 -11.29 2.64 -5.73
CA ASP A 161 -12.10 3.44 -6.63
C ASP A 161 -13.41 2.70 -6.73
N LEU A 162 -14.45 3.21 -6.05
CA LEU A 162 -15.64 2.42 -5.83
C LEU A 162 -16.44 2.19 -7.11
N ASN A 163 -16.38 3.08 -8.09
CA ASN A 163 -17.14 2.83 -9.34
C ASN A 163 -16.54 1.72 -10.20
N ARG A 164 -15.22 1.71 -10.27
CA ARG A 164 -14.50 0.81 -11.12
C ARG A 164 -14.04 -0.45 -10.38
N GLY A 165 -14.10 -0.46 -9.06
CA GLY A 165 -13.62 -1.64 -8.33
C GLY A 165 -12.10 -1.85 -8.37
N GLU A 166 -11.36 -0.77 -8.56
CA GLU A 166 -9.93 -0.73 -8.73
C GLU A 166 -9.28 -0.20 -7.46
N LEU A 167 -8.29 -0.95 -6.93
CA LEU A 167 -7.51 -0.50 -5.78
C LEU A 167 -6.27 0.22 -6.27
N LYS A 168 -5.79 1.19 -5.52
CA LYS A 168 -4.57 1.91 -5.82
C LYS A 168 -3.70 1.97 -4.58
N LEU A 169 -2.44 1.68 -4.73
CA LEU A 169 -1.48 1.79 -3.61
C LEU A 169 -1.08 3.26 -3.46
N ILE A 170 -1.10 3.79 -2.24
CA ILE A 170 -0.64 5.11 -1.97
C ILE A 170 0.40 5.13 -0.87
N ASP A 171 0.95 6.34 -0.69
CA ASP A 171 1.94 6.68 0.33
C ASP A 171 3.24 5.92 0.25
N PHE A 172 4.08 6.43 -0.62
CA PHE A 172 5.40 5.90 -0.74
C PHE A 172 6.43 6.58 0.15
N GLY A 173 6.01 7.33 1.15
CA GLY A 173 6.90 8.04 2.04
C GLY A 173 7.82 7.25 2.97
N SER A 174 7.55 5.97 3.18
CA SER A 174 8.45 5.03 3.88
C SER A 174 9.14 4.08 2.94
N GLY A 175 9.06 4.33 1.67
CA GLY A 175 9.56 3.35 0.69
C GLY A 175 11.01 3.52 0.40
N ALA A 176 11.56 2.74 -0.52
CA ALA A 176 12.99 2.82 -0.90
C ALA A 176 13.18 2.34 -2.31
N LEU A 177 14.35 2.61 -2.89
CA LEU A 177 14.75 1.90 -4.09
C LEU A 177 14.82 0.39 -3.78
N LEU A 178 14.30 -0.44 -4.68
CA LEU A 178 14.42 -1.88 -4.51
C LEU A 178 15.88 -2.37 -4.73
N LYS A 179 16.39 -3.17 -3.82
CA LYS A 179 17.68 -3.79 -4.02
C LYS A 179 17.63 -5.22 -3.50
N ASP A 180 18.67 -5.95 -3.78
CA ASP A 180 18.75 -7.36 -3.46
C ASP A 180 19.52 -7.69 -2.20
N THR A 181 20.19 -6.70 -1.65
CA THR A 181 20.90 -6.82 -0.43
C THR A 181 20.01 -6.42 0.77
N VAL A 182 20.57 -6.51 1.97
CA VAL A 182 19.80 -6.46 3.22
C VAL A 182 19.43 -5.04 3.58
N TYR A 183 18.23 -4.81 4.04
CA TYR A 183 17.90 -3.49 4.60
C TYR A 183 18.06 -3.54 6.10
N THR A 184 18.61 -2.47 6.66
CA THR A 184 18.77 -2.40 8.10
C THR A 184 18.04 -1.22 8.70
N ASP A 185 17.23 -0.52 7.91
CA ASP A 185 16.36 0.56 8.37
C ASP A 185 14.91 0.27 7.98
N PHE A 186 13.97 0.73 8.79
CA PHE A 186 12.58 0.58 8.48
C PHE A 186 11.75 1.61 9.18
N ASP A 187 10.81 2.24 8.49
CA ASP A 187 9.97 3.21 9.20
C ASP A 187 8.47 3.06 8.94
N GLY A 188 8.03 1.96 8.33
CA GLY A 188 6.59 1.70 8.19
C GLY A 188 5.85 1.35 9.48
N THR A 189 5.01 0.33 9.44
CA THR A 189 4.17 -0.01 10.60
C THR A 189 4.57 -1.30 11.26
N ARG A 190 4.70 -1.25 12.58
CA ARG A 190 5.44 -2.25 13.27
C ARG A 190 4.69 -3.58 13.18
N VAL A 191 3.38 -3.51 13.42
CA VAL A 191 2.54 -4.71 13.49
C VAL A 191 2.33 -5.35 12.14
N TYR A 192 2.73 -4.69 11.04
CA TYR A 192 2.85 -5.33 9.70
C TYR A 192 4.30 -5.81 9.36
N SER A 193 5.24 -5.66 10.30
CA SER A 193 6.62 -5.92 10.02
C SER A 193 7.00 -7.35 10.46
N PRO A 194 7.96 -7.92 9.73
CA PRO A 194 8.24 -9.31 9.87
C PRO A 194 9.13 -9.59 11.05
N PRO A 195 9.17 -10.83 11.45
CA PRO A 195 9.91 -11.22 12.62
C PRO A 195 11.39 -10.91 12.56
N GLU A 196 11.99 -11.04 11.38
CA GLU A 196 13.39 -10.78 11.23
C GLU A 196 13.69 -9.29 11.44
N TRP A 197 12.75 -8.40 11.21
CA TRP A 197 12.97 -6.98 11.58
C TRP A 197 12.95 -6.85 13.10
N ILE A 198 11.94 -7.48 13.68
CA ILE A 198 11.76 -7.37 15.10
C ILE A 198 12.88 -7.99 15.86
N ARG A 199 13.37 -9.16 15.45
CA ARG A 199 14.52 -9.78 16.13
C ARG A 199 15.91 -9.24 15.76
N TYR A 200 16.20 -8.94 14.49
CA TYR A 200 17.57 -8.65 14.09
C TYR A 200 17.73 -7.32 13.40
N HIS A 201 16.65 -6.60 13.16
CA HIS A 201 16.71 -5.34 12.46
C HIS A 201 17.30 -5.49 11.05
N ARG A 202 16.99 -6.62 10.42
CA ARG A 202 17.43 -6.85 9.07
C ARG A 202 16.33 -7.49 8.28
N TYR A 203 16.16 -7.07 7.03
CA TYR A 203 15.21 -7.73 6.17
C TYR A 203 15.60 -7.61 4.71
N HIS A 204 15.03 -8.49 3.89
CA HIS A 204 15.14 -8.35 2.45
C HIS A 204 13.79 -7.87 1.94
N GLY A 205 13.86 -7.14 0.84
CA GLY A 205 12.69 -6.44 0.33
C GLY A 205 11.46 -7.26 0.04
N ARG A 206 11.64 -8.24 -0.79
CA ARG A 206 10.56 -9.02 -1.28
C ARG A 206 9.98 -9.93 -0.24
N SER A 207 10.83 -10.62 0.51
CA SER A 207 10.29 -11.48 1.58
C SER A 207 9.58 -10.67 2.69
N ALA A 208 10.04 -9.46 3.01
CA ALA A 208 9.31 -8.66 4.02
C ALA A 208 7.97 -8.25 3.43
N ALA A 209 7.97 -7.90 2.14
CA ALA A 209 6.75 -7.46 1.47
C ALA A 209 5.74 -8.57 1.51
N VAL A 210 6.19 -9.79 1.26
CA VAL A 210 5.29 -10.93 1.31
C VAL A 210 4.72 -11.10 2.72
N TRP A 211 5.51 -10.91 3.77
CA TRP A 211 4.98 -11.02 5.13
C TRP A 211 3.85 -10.02 5.32
N SER A 212 4.06 -8.78 4.95
CA SER A 212 3.07 -7.78 5.18
C SER A 212 1.86 -8.05 4.35
N LEU A 213 1.99 -8.80 3.26
CA LEU A 213 0.82 -9.14 2.46
C LEU A 213 0.02 -10.21 3.13
N GLY A 214 0.70 -11.11 3.82
CA GLY A 214 0.00 -12.08 4.68
C GLY A 214 -0.85 -11.42 5.76
N ILE A 215 -0.29 -10.41 6.43
CA ILE A 215 -1.01 -9.65 7.45
C ILE A 215 -2.25 -8.97 6.83
N LEU A 216 -2.05 -8.36 5.66
CA LEU A 216 -3.10 -7.71 4.95
C LEU A 216 -4.18 -8.70 4.62
N LEU A 217 -3.82 -9.84 4.10
CA LEU A 217 -4.87 -10.77 3.68
C LEU A 217 -5.66 -11.25 4.90
N TYR A 218 -4.95 -11.55 6.00
CA TYR A 218 -5.64 -11.91 7.27
C TYR A 218 -6.61 -10.78 7.67
N ASP A 219 -6.16 -9.53 7.60
CA ASP A 219 -6.97 -8.38 7.95
C ASP A 219 -8.28 -8.29 7.11
N MET A 220 -8.20 -8.69 5.86
CA MET A 220 -9.35 -8.63 5.00
C MET A 220 -10.37 -9.68 5.40
N VAL A 221 -9.93 -10.90 5.56
CA VAL A 221 -10.87 -11.98 5.81
C VAL A 221 -11.32 -12.11 7.27
N CYS A 222 -10.57 -11.54 8.20
CA CYS A 222 -10.96 -11.62 9.63
C CYS A 222 -11.41 -10.32 10.23
N GLY A 223 -11.18 -9.21 9.54
CA GLY A 223 -11.61 -7.97 10.02
C GLY A 223 -10.65 -7.37 11.02
N ASP A 224 -9.52 -7.99 11.30
CA ASP A 224 -8.51 -7.30 12.09
C ASP A 224 -7.17 -7.93 11.86
N ILE A 225 -6.14 -7.27 12.32
CA ILE A 225 -4.80 -7.80 12.17
C ILE A 225 -4.59 -8.95 13.17
N PRO A 226 -3.65 -9.87 12.86
CA PRO A 226 -3.51 -11.03 13.68
C PRO A 226 -2.63 -10.84 14.87
N PHE A 227 -1.68 -9.89 14.82
CA PHE A 227 -0.66 -9.73 15.84
C PHE A 227 -0.72 -8.29 16.33
N GLU A 228 -0.99 -8.13 17.62
CA GLU A 228 -0.89 -6.84 18.33
C GLU A 228 0.52 -6.64 18.92
N HIS A 229 1.23 -7.71 19.29
CA HIS A 229 2.52 -7.57 20.05
C HIS A 229 3.75 -8.25 19.38
N ASP A 230 4.91 -7.72 19.73
CA ASP A 230 6.18 -8.28 19.31
C ASP A 230 6.30 -9.79 19.52
N GLU A 231 5.92 -10.24 20.70
CA GLU A 231 6.02 -11.64 21.01
C GLU A 231 5.14 -12.48 20.08
N GLU A 232 3.97 -11.98 19.70
CA GLU A 232 3.09 -12.74 18.84
C GLU A 232 3.68 -12.84 17.46
N ILE A 233 4.30 -11.76 17.00
CA ILE A 233 4.93 -11.73 15.67
C ILE A 233 6.02 -12.77 15.57
N ILE A 234 6.85 -12.79 16.60
CA ILE A 234 7.99 -13.67 16.68
C ILE A 234 7.59 -15.13 16.87
N ARG A 235 6.51 -15.39 17.60
CA ARG A 235 6.05 -16.78 17.73
C ARG A 235 5.42 -17.22 16.42
N GLY A 236 4.81 -16.30 15.68
CA GLY A 236 4.15 -16.59 14.44
C GLY A 236 3.07 -17.68 14.46
N GLN A 237 2.39 -17.93 15.57
CA GLN A 237 1.22 -18.81 15.52
C GLN A 237 0.01 -17.94 15.03
N VAL A 238 -0.81 -18.45 14.14
CA VAL A 238 -1.93 -17.71 13.61
C VAL A 238 -3.20 -18.37 14.03
N PHE A 239 -4.04 -17.70 14.79
CA PHE A 239 -5.35 -18.20 15.14
C PHE A 239 -6.42 -17.44 14.31
N PHE A 240 -7.33 -18.17 13.70
CA PHE A 240 -8.48 -17.58 13.01
C PHE A 240 -9.73 -17.52 13.85
N ARG A 241 -10.21 -16.32 13.97
CA ARG A 241 -11.35 -15.96 14.83
C ARG A 241 -12.66 -15.93 14.02
N GLN A 242 -12.58 -15.99 12.69
CA GLN A 242 -13.70 -16.17 11.78
C GLN A 242 -13.53 -17.43 11.00
N ARG A 243 -14.64 -17.91 10.45
CA ARG A 243 -14.62 -18.97 9.47
C ARG A 243 -13.88 -18.52 8.26
N VAL A 244 -12.78 -19.17 7.93
CA VAL A 244 -11.97 -18.85 6.76
C VAL A 244 -11.64 -20.21 6.13
N SER A 245 -11.72 -20.27 4.82
CA SER A 245 -11.56 -21.55 4.14
C SER A 245 -10.11 -22.02 4.29
N SEP A 246 -9.92 -23.31 4.04
CA SEP A 246 -8.67 -23.96 4.32
CB SEP A 246 -8.94 -25.49 4.35
OG SEP A 246 -9.81 -25.94 5.40
C SEP A 246 -7.62 -23.42 3.34
O SEP A 246 -6.43 -23.23 3.70
P SEP A 246 -11.31 -26.52 4.99
O1P SEP A 246 -12.05 -27.18 6.25
O2P SEP A 246 -11.04 -27.67 4.02
O3P SEP A 246 -11.90 -25.30 4.15
N GLU A 247 -8.02 -23.08 2.12
CA GLU A 247 -7.05 -22.69 1.10
C GLU A 247 -6.54 -21.30 1.47
N CYS A 248 -7.44 -20.43 1.89
CA CYS A 248 -7.05 -19.09 2.29
C CYS A 248 -6.20 -19.11 3.54
N GLN A 249 -6.54 -19.98 4.50
CA GLN A 249 -5.71 -20.13 5.71
C GLN A 249 -4.30 -20.62 5.34
N HIS A 250 -4.21 -21.64 4.49
CA HIS A 250 -2.92 -22.11 3.95
C HIS A 250 -2.10 -20.92 3.35
N LEU A 251 -2.73 -20.15 2.48
CA LEU A 251 -2.00 -19.07 1.81
C LEU A 251 -1.47 -18.09 2.82
N ILE A 252 -2.30 -17.76 3.79
CA ILE A 252 -1.91 -16.77 4.80
C ILE A 252 -0.81 -17.27 5.67
N ARG A 253 -0.92 -18.51 6.10
CA ARG A 253 0.14 -19.11 6.90
C ARG A 253 1.47 -19.23 6.14
N TRP A 254 1.43 -19.54 4.86
CA TRP A 254 2.63 -19.54 4.05
C TRP A 254 3.31 -18.11 3.97
N CYS A 255 2.52 -17.06 3.70
CA CYS A 255 3.10 -15.70 3.68
C CYS A 255 3.66 -15.33 5.03
N LEU A 256 3.10 -15.92 6.06
CA LEU A 256 3.53 -15.63 7.42
C LEU A 256 4.47 -16.68 7.98
N ALA A 257 5.13 -17.47 7.15
CA ALA A 257 6.25 -18.28 7.60
C ALA A 257 7.30 -17.46 8.29
N LEU A 258 7.83 -17.99 9.38
CA LEU A 258 8.87 -17.32 10.14
C LEU A 258 10.20 -17.16 9.40
N ARG A 259 10.69 -18.23 8.79
CA ARG A 259 11.86 -18.16 7.97
C ARG A 259 11.49 -17.41 6.64
N PRO A 260 12.17 -16.29 6.35
CA PRO A 260 11.88 -15.52 5.13
C PRO A 260 11.90 -16.33 3.82
N SER A 261 12.86 -17.22 3.69
CA SER A 261 13.05 -17.94 2.45
C SER A 261 11.99 -19.06 2.30
N ASP A 262 11.19 -19.36 3.34
CA ASP A 262 10.00 -20.27 3.25
C ASP A 262 8.75 -19.59 2.77
N ARG A 263 8.83 -18.28 2.57
CA ARG A 263 7.71 -17.55 2.14
C ARG A 263 7.64 -17.74 0.65
N PRO A 264 6.42 -17.74 0.09
CA PRO A 264 6.26 -17.82 -1.35
C PRO A 264 6.76 -16.60 -2.08
N THR A 265 7.11 -16.76 -3.37
CA THR A 265 7.34 -15.59 -4.27
C THR A 265 6.01 -15.08 -4.72
N PHE A 266 6.01 -13.95 -5.42
CA PHE A 266 4.77 -13.38 -5.95
C PHE A 266 4.18 -14.32 -6.93
N GLU A 267 5.05 -14.99 -7.70
CA GLU A 267 4.57 -15.98 -8.59
C GLU A 267 3.87 -17.13 -7.89
N GLU A 268 4.43 -17.64 -6.80
CA GLU A 268 3.74 -18.74 -6.11
C GLU A 268 2.47 -18.30 -5.44
N ILE A 269 2.41 -17.11 -4.92
CA ILE A 269 1.15 -16.61 -4.36
C ILE A 269 0.05 -16.50 -5.45
N GLN A 270 0.42 -15.94 -6.61
CA GLN A 270 -0.60 -15.77 -7.70
C GLN A 270 -1.00 -17.07 -8.38
N ASN A 271 -0.22 -18.10 -8.19
CA ASN A 271 -0.57 -19.44 -8.68
C ASN A 271 -1.21 -20.25 -7.56
N HIS A 272 -1.39 -19.73 -6.34
CA HIS A 272 -1.96 -20.53 -5.30
C HIS A 272 -3.46 -20.86 -5.61
N PRO A 273 -3.97 -22.03 -5.20
CA PRO A 273 -5.36 -22.39 -5.49
C PRO A 273 -6.37 -21.39 -5.00
N TRP A 274 -6.16 -20.78 -3.84
CA TRP A 274 -7.08 -19.75 -3.38
C TRP A 274 -7.19 -18.58 -4.31
N MET A 275 -6.17 -18.33 -5.13
CA MET A 275 -6.13 -17.17 -6.05
C MET A 275 -6.68 -17.39 -7.41
N GLN A 276 -7.20 -18.58 -7.70
CA GLN A 276 -7.75 -18.83 -9.02
C GLN A 276 -9.13 -18.20 -9.20
N ASP A 277 -9.47 -17.91 -10.46
CA ASP A 277 -10.77 -17.43 -10.85
C ASP A 277 -11.11 -16.05 -10.24
N VAL A 278 -10.19 -15.12 -10.29
CA VAL A 278 -10.41 -13.85 -9.66
C VAL A 278 -11.42 -13.08 -10.48
N LEU A 279 -12.29 -12.29 -9.83
CA LEU A 279 -13.18 -11.39 -10.55
C LEU A 279 -12.41 -10.25 -11.18
N LEU A 280 -12.86 -9.79 -12.32
CA LEU A 280 -12.38 -8.53 -12.87
C LEU A 280 -12.81 -7.37 -11.95
N PRO A 281 -12.09 -6.26 -11.99
CA PRO A 281 -12.43 -5.22 -11.04
C PRO A 281 -13.84 -4.69 -11.22
N GLN A 282 -14.30 -4.56 -12.45
CA GLN A 282 -15.61 -3.99 -12.69
C GLN A 282 -16.74 -4.93 -12.20
N GLU A 283 -16.56 -6.24 -12.33
CA GLU A 283 -17.52 -7.19 -11.78
C GLU A 283 -17.57 -7.09 -10.26
N THR A 284 -16.39 -6.94 -9.67
CA THR A 284 -16.24 -6.77 -8.27
C THR A 284 -17.05 -5.57 -7.84
N ALA A 285 -16.92 -4.43 -8.54
CA ALA A 285 -17.69 -3.26 -8.16
C ALA A 285 -19.19 -3.57 -8.26
N GLU A 286 -19.57 -4.27 -9.32
CA GLU A 286 -21.03 -4.46 -9.57
C GLU A 286 -21.68 -5.30 -8.51
N ILE A 287 -21.00 -6.36 -8.09
CA ILE A 287 -21.54 -7.30 -7.14
C ILE A 287 -21.36 -6.84 -5.68
N HIS A 288 -20.23 -6.26 -5.35
CA HIS A 288 -19.90 -6.03 -3.96
C HIS A 288 -19.88 -4.56 -3.56
N LEU A 289 -19.87 -3.62 -4.49
CA LEU A 289 -19.72 -2.26 -4.09
C LEU A 289 -20.82 -1.37 -4.55
N HIS A 290 -21.48 -1.69 -5.66
CA HIS A 290 -22.56 -0.86 -6.21
C HIS A 290 -23.78 -1.08 -5.35
N1 9G5 B . -12.99 9.00 4.33
C4 9G5 B . -12.44 9.87 5.38
C5 9G5 B . -12.24 8.96 6.59
C6 9G5 B . -12.23 8.21 3.54
C7 9G5 B . -11.13 8.71 2.61
C8 9G5 B . -11.39 8.88 1.25
C10 9G5 B . -9.08 9.54 0.89
C13 9G5 B . -7.52 9.66 2.75
C15 9G5 B . -5.80 9.99 4.17
C17 9G5 B . -3.98 9.95 2.45
C20 9G5 B . -3.06 10.09 -1.20
C21 9G5 B . -3.40 10.16 -2.53
C22 9G5 B . -4.72 10.26 -2.95
C24 9G5 B . -5.45 10.23 -0.68
O2 9G5 B . -1.13 9.81 1.63
C25 9G5 B . -2.07 9.93 0.75
N2 9G5 B . -1.86 9.96 -0.58
C23 9G5 B . -5.70 10.32 -2.02
CL 9G5 B . -7.38 10.42 -2.60
C19 9G5 B . -4.15 10.09 -0.23
C18 9G5 B . -3.45 10.02 1.08
C16 9G5 B . -5.38 9.95 2.86
C14 9G5 B . -7.17 9.89 4.09
O1 9G5 B . -6.37 9.65 2.00
C11 9G5 B . -8.86 9.42 2.23
C9 9G5 B . -10.36 9.31 0.41
C12 9G5 B . -9.85 8.96 3.08
O 9G5 B . -12.36 6.97 3.57
C3 9G5 B . -14.44 8.96 4.33
C2 9G5 B . -14.79 8.08 5.53
C1 9G5 B . -14.75 8.84 6.87
N 9G5 B . -13.40 8.98 7.51
C 9G5 B . -13.21 8.03 8.63
N1 IMD C . -8.17 -24.83 9.41
C2 IMD C . -7.64 -25.31 8.27
N3 IMD C . -6.35 -25.53 8.47
C4 IMD C . -6.04 -25.22 9.74
C5 IMD C . -7.18 -24.78 10.35
CL CL D . 9.41 -0.39 13.86
#